data_2F9T
#
_entry.id   2F9T
#
_cell.length_a   91.250
_cell.length_b   91.250
_cell.length_c   179.201
_cell.angle_alpha   90.00
_cell.angle_beta   90.00
_cell.angle_gamma   90.00
#
_symmetry.space_group_name_H-M   'P 41 21 2'
#
loop_
_entity.id
_entity.type
_entity.pdbx_description
1 polymer 'Pantothenate Kinase'
2 water water
#
_entity_poly.entity_id   1
_entity_poly.type   'polypeptide(L)'
_entity_poly.pdbx_seq_one_letter_code
;(MSE)GSSHHHHHHSSGLVPRGSH(MSE)AS(MSE)ILELDCGNSLIKWRVIEGAARSVAGGLAESDDALVEQLTSQQAL
PVRACRLVSVRSEQETSQLVARLEQLFPVSALVASSGKQLAGVRNGYLDYQRLGLDRWLALVAAHHLAKKACLVIDLGTA
VTSDLVAADGVHLGGYICPG(MSE)TL(MSE)RSQLRTHTRRIRYDDAEARRALASLQPGQATAEAVERGCLL(MSE)LR
GFVREQYA(MSE)ACELLGPDCEIFLTGGDAELVRDELAGARI(MSE)PDLVFVGLALACPIE
;
_entity_poly.pdbx_strand_id   A,B
#
# COMPACT_ATOMS: atom_id res chain seq x y z
N ALA A 22 30.67 3.50 34.96
CA ALA A 22 31.19 3.16 33.61
C ALA A 22 30.57 4.10 32.56
N SER A 23 30.86 3.83 31.30
CA SER A 23 30.34 4.65 30.21
C SER A 23 29.32 3.91 29.37
N MSE A 24 28.24 4.59 29.03
CA MSE A 24 27.18 4.00 28.22
C MSE A 24 27.17 4.60 26.82
O MSE A 24 27.83 5.61 26.56
CB MSE A 24 25.83 4.21 28.90
CG MSE A 24 25.69 3.42 30.18
SE MSE A 24 23.93 3.55 30.90
CE MSE A 24 24.26 2.81 32.67
N ILE A 25 26.41 3.99 25.93
CA ILE A 25 26.34 4.45 24.56
C ILE A 25 24.93 4.80 24.11
N LEU A 26 24.81 5.97 23.52
CA LEU A 26 23.53 6.44 22.99
C LEU A 26 23.52 6.08 21.50
N GLU A 27 22.51 5.34 21.08
CA GLU A 27 22.39 4.95 19.68
C GLU A 27 21.09 5.49 19.12
N LEU A 28 21.12 5.89 17.85
CA LEU A 28 19.93 6.41 17.22
C LEU A 28 19.74 5.97 15.77
N ASP A 29 18.48 5.84 15.39
CA ASP A 29 18.12 5.49 14.02
C ASP A 29 17.21 6.63 13.58
N CYS A 30 17.71 7.47 12.70
CA CYS A 30 16.96 8.63 12.21
C CYS A 30 16.24 8.35 10.91
N GLY A 31 14.96 8.00 11.02
CA GLY A 31 14.16 7.71 9.85
C GLY A 31 13.58 8.97 9.24
N ASN A 32 12.76 8.81 8.21
CA ASN A 32 12.17 9.96 7.54
C ASN A 32 11.15 10.68 8.41
N SER A 33 10.33 9.94 9.16
CA SER A 33 9.33 10.58 10.00
C SER A 33 9.43 10.26 11.50
N LEU A 34 10.45 9.49 11.88
CA LEU A 34 10.62 9.14 13.28
C LEU A 34 12.07 8.95 13.65
N ILE A 35 12.35 9.09 14.93
CA ILE A 35 13.71 8.90 15.42
C ILE A 35 13.63 7.94 16.59
N LYS A 36 14.26 6.78 16.43
CA LYS A 36 14.27 5.80 17.50
C LYS A 36 15.63 5.88 18.16
N TRP A 37 15.63 5.86 19.49
CA TRP A 37 16.87 5.94 20.25
C TRP A 37 16.87 5.01 21.46
N ARG A 38 18.06 4.68 21.94
CA ARG A 38 18.21 3.86 23.13
C ARG A 38 19.60 4.09 23.72
N VAL A 39 19.75 3.78 25.00
CA VAL A 39 21.04 3.89 25.64
C VAL A 39 21.35 2.48 26.12
N ILE A 40 22.53 1.98 25.76
CA ILE A 40 22.93 0.64 26.17
C ILE A 40 24.12 0.65 27.12
N GLU A 41 24.11 -0.33 28.02
CA GLU A 41 25.18 -0.51 29.00
C GLU A 41 25.90 -1.75 28.49
N GLY A 42 27.22 -1.72 28.51
CA GLY A 42 27.98 -2.86 28.03
C GLY A 42 27.82 -3.04 26.54
N ALA A 43 27.88 -4.29 26.09
CA ALA A 43 27.77 -4.59 24.68
C ALA A 43 26.42 -4.26 24.03
N ALA A 44 25.32 -4.57 24.71
CA ALA A 44 24.02 -4.30 24.09
C ALA A 44 22.83 -4.31 25.02
N ARG A 45 23.05 -4.11 26.32
CA ARG A 45 21.92 -4.11 27.24
C ARG A 45 21.26 -2.73 27.27
N SER A 46 20.02 -2.68 26.81
CA SER A 46 19.27 -1.43 26.77
C SER A 46 18.70 -1.06 28.13
N VAL A 47 18.94 0.16 28.58
CA VAL A 47 18.41 0.60 29.88
C VAL A 47 17.41 1.73 29.71
N ALA A 48 17.27 2.22 28.48
CA ALA A 48 16.33 3.30 28.20
C ALA A 48 16.24 3.51 26.69
N GLY A 49 15.14 4.09 26.24
CA GLY A 49 14.96 4.34 24.83
C GLY A 49 13.60 4.92 24.52
N GLY A 50 13.38 5.32 23.27
CA GLY A 50 12.09 5.89 22.94
C GLY A 50 11.93 6.18 21.47
N LEU A 51 10.76 6.74 21.13
CA LEU A 51 10.43 7.11 19.76
C LEU A 51 10.02 8.57 19.73
N ALA A 52 10.70 9.36 18.89
CA ALA A 52 10.39 10.78 18.80
C ALA A 52 9.83 11.12 17.42
N GLU A 53 8.69 11.83 17.42
CA GLU A 53 8.02 12.23 16.19
C GLU A 53 8.56 13.56 15.69
N SER A 54 9.48 14.14 16.45
CA SER A 54 10.08 15.41 16.08
C SER A 54 11.34 15.62 16.90
N ASP A 55 12.24 16.45 16.40
CA ASP A 55 13.50 16.72 17.10
C ASP A 55 13.23 17.29 18.49
N ASP A 56 12.21 18.12 18.61
CA ASP A 56 11.88 18.71 19.91
C ASP A 56 11.42 17.63 20.87
N ALA A 57 10.68 16.66 20.35
CA ALA A 57 10.21 15.56 21.19
C ALA A 57 11.42 14.74 21.60
N LEU A 58 12.37 14.61 20.68
CA LEU A 58 13.59 13.86 20.94
C LEU A 58 14.40 14.52 22.04
N VAL A 59 14.64 15.81 21.90
CA VAL A 59 15.38 16.55 22.91
C VAL A 59 14.67 16.44 24.26
N GLU A 60 13.34 16.46 24.21
CA GLU A 60 12.54 16.36 25.41
C GLU A 60 12.80 15.03 26.12
N GLN A 61 12.76 13.94 25.36
CA GLN A 61 12.96 12.62 25.92
C GLN A 61 14.39 12.42 26.43
N LEU A 62 15.37 12.81 25.62
CA LEU A 62 16.77 12.66 26.01
C LEU A 62 17.16 13.48 27.24
N THR A 63 16.57 14.66 27.37
CA THR A 63 16.87 15.53 28.51
C THR A 63 16.62 14.81 29.82
N SER A 64 15.66 13.90 29.82
CA SER A 64 15.33 13.14 31.02
C SER A 64 16.33 12.01 31.29
N GLN A 65 17.23 11.77 30.34
CA GLN A 65 18.23 10.71 30.49
C GLN A 65 19.66 11.20 30.62
N GLN A 66 19.84 12.52 30.65
CA GLN A 66 21.18 13.08 30.77
C GLN A 66 21.82 12.66 32.09
N ALA A 67 21.02 12.04 32.96
CA ALA A 67 21.50 11.56 34.25
C ALA A 67 22.34 10.30 34.03
N LEU A 68 22.08 9.62 32.91
CA LEU A 68 22.80 8.40 32.56
C LEU A 68 24.22 8.73 32.09
N PRO A 69 25.20 7.93 32.51
CA PRO A 69 26.59 8.14 32.12
C PRO A 69 26.91 7.93 30.65
N VAL A 70 26.22 8.66 29.77
CA VAL A 70 26.46 8.54 28.33
C VAL A 70 27.81 9.18 27.96
N ARG A 71 28.69 8.42 27.34
CA ARG A 71 30.00 8.94 26.97
C ARG A 71 30.42 8.52 25.56
N ALA A 72 29.47 8.02 24.80
CA ALA A 72 29.73 7.61 23.43
C ALA A 72 28.39 7.67 22.70
N CYS A 73 28.45 7.79 21.38
CA CYS A 73 27.23 7.89 20.59
C CYS A 73 27.48 7.46 19.14
N ARG A 74 26.51 6.73 18.59
CA ARG A 74 26.60 6.26 17.21
C ARG A 74 25.19 6.32 16.65
N LEU A 75 25.05 6.56 15.35
CA LEU A 75 23.72 6.64 14.79
C LEU A 75 23.70 6.42 13.29
N VAL A 76 22.50 6.12 12.79
CA VAL A 76 22.31 5.93 11.36
C VAL A 76 21.18 6.88 10.99
N SER A 77 21.29 7.48 9.81
CA SER A 77 20.26 8.42 9.38
C SER A 77 20.01 8.33 7.88
N VAL A 78 18.76 8.55 7.48
CA VAL A 78 18.40 8.52 6.06
C VAL A 78 18.00 9.95 5.68
N ARG A 79 18.27 10.89 6.57
CA ARG A 79 17.96 12.29 6.32
C ARG A 79 19.10 12.99 5.58
N SER A 80 18.89 14.25 5.23
CA SER A 80 19.91 15.01 4.51
C SER A 80 21.17 15.19 5.34
N GLU A 81 22.29 15.33 4.65
CA GLU A 81 23.59 15.52 5.30
C GLU A 81 23.53 16.69 6.28
N GLN A 82 22.77 17.73 5.91
CA GLN A 82 22.64 18.91 6.75
C GLN A 82 21.76 18.63 7.97
N GLU A 83 20.62 17.98 7.75
CA GLU A 83 19.70 17.67 8.83
C GLU A 83 20.34 16.79 9.89
N THR A 84 21.24 15.90 9.46
CA THR A 84 21.91 15.00 10.38
C THR A 84 22.94 15.75 11.21
N SER A 85 23.74 16.59 10.56
CA SER A 85 24.74 17.39 11.25
C SER A 85 24.10 18.25 12.32
N GLN A 86 22.89 18.72 12.04
CA GLN A 86 22.17 19.56 12.99
C GLN A 86 21.84 18.73 14.22
N LEU A 87 21.26 17.56 13.96
CA LEU A 87 20.89 16.65 15.04
C LEU A 87 22.12 16.26 15.85
N VAL A 88 23.21 15.98 15.16
CA VAL A 88 24.45 15.62 15.82
C VAL A 88 24.89 16.74 16.74
N ALA A 89 24.74 17.98 16.26
CA ALA A 89 25.11 19.16 17.05
C ALA A 89 24.29 19.23 18.32
N ARG A 90 22.98 19.00 18.21
CA ARG A 90 22.12 19.04 19.38
C ARG A 90 22.49 17.92 20.34
N LEU A 91 22.89 16.77 19.80
CA LEU A 91 23.26 15.63 20.62
C LEU A 91 24.53 15.92 21.40
N GLU A 92 25.58 16.34 20.69
CA GLU A 92 26.85 16.66 21.33
C GLU A 92 26.73 17.79 22.35
N GLN A 93 25.56 18.40 22.42
CA GLN A 93 25.29 19.48 23.37
C GLN A 93 24.71 18.88 24.64
N LEU A 94 23.87 17.86 24.46
CA LEU A 94 23.20 17.19 25.57
C LEU A 94 24.08 16.15 26.27
N PHE A 95 25.05 15.62 25.54
CA PHE A 95 25.93 14.60 26.09
C PHE A 95 27.37 14.84 25.67
N PRO A 96 28.32 14.53 26.56
CA PRO A 96 29.74 14.72 26.27
C PRO A 96 30.24 13.59 25.37
N VAL A 97 29.93 13.68 24.09
CA VAL A 97 30.32 12.64 23.15
C VAL A 97 30.70 13.21 21.79
N SER A 98 31.36 12.39 21.00
CA SER A 98 31.74 12.73 19.64
C SER A 98 31.03 11.68 18.79
N ALA A 99 29.79 12.00 18.41
CA ALA A 99 28.93 11.12 17.63
C ALA A 99 29.52 10.49 16.38
N LEU A 100 29.37 9.17 16.25
CA LEU A 100 29.82 8.45 15.08
C LEU A 100 28.60 8.34 14.18
N VAL A 101 28.80 8.51 12.87
CA VAL A 101 27.70 8.45 11.92
C VAL A 101 27.96 7.38 10.88
N ALA A 102 27.03 6.43 10.76
CA ALA A 102 27.18 5.35 9.79
C ALA A 102 27.09 5.90 8.37
N SER A 103 27.86 5.30 7.46
CA SER A 103 27.86 5.75 6.07
C SER A 103 27.76 4.59 5.07
N SER A 104 27.46 4.92 3.82
CA SER A 104 27.32 3.93 2.76
C SER A 104 28.60 3.13 2.51
N GLY A 105 28.44 1.91 2.02
CA GLY A 105 29.60 1.07 1.74
C GLY A 105 29.28 -0.01 0.73
N LYS A 106 30.30 -0.45 0.00
CA LYS A 106 30.13 -1.51 -0.99
C LYS A 106 30.15 -2.84 -0.26
N GLN A 107 30.67 -2.82 0.97
CA GLN A 107 30.72 -4.05 1.75
C GLN A 107 30.82 -3.73 3.23
N LEU A 108 30.31 -4.64 4.05
CA LEU A 108 30.33 -4.47 5.50
C LEU A 108 30.12 -5.81 6.17
N ALA A 109 31.02 -6.18 7.05
CA ALA A 109 30.95 -7.44 7.79
C ALA A 109 30.74 -8.68 6.93
N GLY A 110 31.36 -8.71 5.75
CA GLY A 110 31.22 -9.86 4.88
C GLY A 110 29.96 -9.86 4.03
N VAL A 111 29.31 -8.71 3.94
CA VAL A 111 28.09 -8.58 3.16
C VAL A 111 28.33 -7.59 2.02
N ARG A 112 27.91 -7.97 0.81
CA ARG A 112 28.10 -7.13 -0.38
C ARG A 112 26.85 -6.38 -0.80
N ASN A 113 26.93 -5.05 -0.80
CA ASN A 113 25.81 -4.18 -1.20
C ASN A 113 25.38 -4.56 -2.62
N GLY A 114 24.08 -4.78 -2.80
CA GLY A 114 23.57 -5.18 -4.10
C GLY A 114 23.06 -4.12 -5.06
N TYR A 115 23.05 -2.85 -4.65
CA TYR A 115 22.59 -1.80 -5.53
C TYR A 115 23.58 -1.45 -6.64
N LEU A 116 23.04 -1.03 -7.80
CA LEU A 116 23.87 -0.64 -8.92
C LEU A 116 24.79 0.48 -8.41
N ASP A 117 24.19 1.41 -7.68
CA ASP A 117 24.90 2.52 -7.06
C ASP A 117 24.74 2.27 -5.56
N TYR A 118 25.78 1.70 -4.95
CA TYR A 118 25.73 1.37 -3.53
C TYR A 118 25.22 2.48 -2.61
N GLN A 119 25.43 3.74 -2.99
CA GLN A 119 24.98 4.86 -2.17
C GLN A 119 23.48 5.12 -2.22
N ARG A 120 22.81 4.52 -3.19
CA ARG A 120 21.36 4.68 -3.35
C ARG A 120 20.56 3.85 -2.34
N LEU A 121 21.20 2.85 -1.74
CA LEU A 121 20.54 2.00 -0.77
C LEU A 121 20.35 2.71 0.57
N GLY A 122 19.09 2.82 1.02
CA GLY A 122 18.84 3.46 2.30
C GLY A 122 19.71 2.83 3.37
N LEU A 123 20.41 3.65 4.14
CA LEU A 123 21.31 3.15 5.17
C LEU A 123 20.66 2.29 6.24
N ASP A 124 19.40 2.55 6.55
CA ASP A 124 18.67 1.77 7.53
C ASP A 124 18.52 0.32 7.06
N ARG A 125 18.10 0.15 5.80
CA ARG A 125 17.93 -1.16 5.19
C ARG A 125 19.27 -1.88 5.18
N TRP A 126 20.30 -1.15 4.77
CA TRP A 126 21.65 -1.70 4.66
C TRP A 126 22.13 -2.29 5.98
N LEU A 127 22.11 -1.49 7.04
CA LEU A 127 22.59 -1.98 8.33
C LEU A 127 21.79 -3.18 8.84
N ALA A 128 20.49 -3.18 8.59
CA ALA A 128 19.66 -4.28 9.07
C ALA A 128 19.95 -5.58 8.32
N LEU A 129 20.04 -5.51 6.99
CA LEU A 129 20.31 -6.71 6.21
C LEU A 129 21.72 -7.24 6.50
N VAL A 130 22.66 -6.35 6.77
CA VAL A 130 24.03 -6.77 7.08
C VAL A 130 24.01 -7.46 8.44
N ALA A 131 23.28 -6.88 9.39
CA ALA A 131 23.16 -7.46 10.72
C ALA A 131 22.59 -8.88 10.62
N ALA A 132 21.53 -9.03 9.83
CA ALA A 132 20.87 -10.33 9.64
C ALA A 132 21.83 -11.40 9.12
N HIS A 133 22.55 -11.10 8.04
CA HIS A 133 23.47 -12.09 7.52
C HIS A 133 24.61 -12.35 8.49
N HIS A 134 25.06 -11.29 9.17
CA HIS A 134 26.13 -11.44 10.15
C HIS A 134 25.71 -12.45 11.23
N LEU A 135 24.45 -12.35 11.65
CA LEU A 135 23.92 -13.24 12.69
C LEU A 135 23.59 -14.65 12.20
N ALA A 136 23.06 -14.75 10.99
CA ALA A 136 22.66 -16.05 10.45
C ALA A 136 23.74 -16.82 9.70
N LYS A 137 24.59 -16.10 8.98
CA LYS A 137 25.65 -16.74 8.21
C LYS A 137 25.04 -17.73 7.22
N LYS A 138 23.82 -17.43 6.79
CA LYS A 138 23.05 -18.23 5.83
C LYS A 138 22.28 -17.22 4.99
N ALA A 139 21.58 -17.71 3.97
CA ALA A 139 20.79 -16.79 3.16
C ALA A 139 19.62 -16.35 4.03
N CYS A 140 19.24 -15.08 3.94
CA CYS A 140 18.11 -14.62 4.71
C CYS A 140 17.22 -13.61 4.02
N LEU A 141 15.98 -13.56 4.51
CA LEU A 141 14.96 -12.65 4.04
C LEU A 141 14.82 -11.69 5.20
N VAL A 142 14.95 -10.40 4.91
CA VAL A 142 14.86 -9.37 5.93
C VAL A 142 13.73 -8.39 5.61
N ILE A 143 12.70 -8.38 6.45
CA ILE A 143 11.56 -7.50 6.24
C ILE A 143 11.37 -6.55 7.41
N ASP A 144 11.28 -5.26 7.08
CA ASP A 144 11.08 -4.20 8.07
C ASP A 144 9.66 -3.65 7.90
N LEU A 145 8.80 -3.97 8.86
CA LEU A 145 7.42 -3.50 8.82
C LEU A 145 7.29 -2.20 9.60
N GLY A 146 7.64 -1.08 8.96
CA GLY A 146 7.55 0.21 9.61
C GLY A 146 6.57 1.13 8.90
N THR A 147 6.80 2.44 9.03
CA THR A 147 5.95 3.44 8.38
C THR A 147 5.93 3.05 6.91
N ALA A 148 7.12 2.80 6.37
CA ALA A 148 7.26 2.32 5.01
C ALA A 148 7.67 0.85 5.23
N VAL A 149 7.44 -0.01 4.24
CA VAL A 149 7.84 -1.41 4.37
C VAL A 149 9.02 -1.67 3.43
N THR A 150 10.01 -2.43 3.90
CA THR A 150 11.13 -2.79 3.04
C THR A 150 11.43 -4.26 3.24
N SER A 151 11.92 -4.89 2.16
CA SER A 151 12.27 -6.29 2.19
C SER A 151 13.56 -6.48 1.38
N ASP A 152 14.54 -7.15 1.97
CA ASP A 152 15.80 -7.39 1.29
C ASP A 152 16.21 -8.86 1.39
N LEU A 153 16.85 -9.36 0.34
CA LEU A 153 17.27 -10.74 0.31
C LEU A 153 18.78 -10.84 0.16
N VAL A 154 19.40 -11.71 0.95
CA VAL A 154 20.85 -11.88 0.89
C VAL A 154 21.21 -13.34 0.71
N ALA A 155 22.09 -13.63 -0.25
CA ALA A 155 22.51 -14.99 -0.51
C ALA A 155 23.32 -15.53 0.66
N ALA A 156 23.45 -16.85 0.73
CA ALA A 156 24.19 -17.49 1.81
C ALA A 156 25.65 -17.03 1.83
N ASP A 157 26.17 -16.62 0.68
CA ASP A 157 27.55 -16.16 0.60
C ASP A 157 27.73 -14.68 0.96
N GLY A 158 26.66 -14.04 1.46
CA GLY A 158 26.78 -12.64 1.86
C GLY A 158 26.49 -11.61 0.79
N VAL A 159 26.09 -12.07 -0.39
CA VAL A 159 25.77 -11.13 -1.46
C VAL A 159 24.32 -10.69 -1.42
N HIS A 160 24.11 -9.39 -1.29
CA HIS A 160 22.79 -8.78 -1.26
C HIS A 160 22.25 -8.80 -2.69
N LEU A 161 21.09 -9.41 -2.87
CA LEU A 161 20.45 -9.52 -4.18
C LEU A 161 19.69 -8.27 -4.58
N GLY A 162 19.22 -7.54 -3.57
CA GLY A 162 18.45 -6.34 -3.84
C GLY A 162 17.25 -6.40 -2.93
N GLY A 163 16.26 -5.54 -3.15
CA GLY A 163 15.10 -5.54 -2.30
C GLY A 163 13.90 -4.80 -2.83
N TYR A 164 12.92 -4.57 -1.95
CA TYR A 164 11.68 -3.91 -2.31
C TYR A 164 11.24 -2.84 -1.33
N ILE A 165 10.39 -1.94 -1.81
CA ILE A 165 9.87 -0.89 -0.97
C ILE A 165 8.40 -0.68 -1.27
N CYS A 166 7.60 -0.54 -0.22
CA CYS A 166 6.18 -0.27 -0.38
C CYS A 166 5.70 0.39 0.90
N PRO A 167 4.51 1.00 0.88
CA PRO A 167 4.03 1.65 2.10
C PRO A 167 3.66 0.71 3.24
N GLY A 168 3.72 1.24 4.46
CA GLY A 168 3.35 0.46 5.64
C GLY A 168 1.94 0.84 6.07
N MSE A 169 1.46 0.26 7.17
CA MSE A 169 0.11 0.56 7.67
C MSE A 169 -0.14 2.05 7.89
O MSE A 169 -1.20 2.57 7.53
CB MSE A 169 -0.16 -0.17 8.99
CG MSE A 169 -0.26 -1.70 8.90
SE MSE A 169 -1.66 -2.33 7.72
CE MSE A 169 -3.22 -2.00 8.86
N THR A 170 0.83 2.74 8.47
CA THR A 170 0.70 4.17 8.74
C THR A 170 0.43 4.98 7.46
N LEU A 171 1.27 4.82 6.46
CA LEU A 171 1.08 5.55 5.21
C LEU A 171 -0.23 5.19 4.52
N MSE A 172 -0.57 3.90 4.51
CA MSE A 172 -1.80 3.45 3.89
C MSE A 172 -3.02 4.01 4.59
O MSE A 172 -4.06 4.21 3.98
CB MSE A 172 -1.86 1.90 3.90
CG MSE A 172 -0.88 1.20 2.99
SE MSE A 172 -1.28 -0.69 2.74
CE MSE A 172 -0.08 -1.43 4.08
N ARG A 173 -2.89 4.26 5.90
CA ARG A 173 -4.01 4.79 6.68
C ARG A 173 -4.27 6.27 6.45
N SER A 174 -3.31 7.11 6.81
CA SER A 174 -3.45 8.55 6.66
C SER A 174 -3.84 8.97 5.25
N GLN A 175 -3.95 8.00 4.35
CA GLN A 175 -4.31 8.28 2.98
C GLN A 175 -5.79 8.02 2.71
N LEU A 176 -6.30 6.94 3.29
CA LEU A 176 -7.70 6.54 3.09
C LEU A 176 -8.61 6.92 4.26
N ARG A 177 -8.04 7.58 5.27
CA ARG A 177 -8.82 7.98 6.43
C ARG A 177 -8.37 9.35 6.93
N ASP A 187 -5.90 3.50 18.62
CA ASP A 187 -5.03 2.31 18.44
C ASP A 187 -5.72 1.06 18.99
N ALA A 188 -6.42 1.22 20.12
CA ALA A 188 -7.13 0.12 20.73
C ALA A 188 -8.40 -0.11 19.91
N GLU A 189 -8.87 0.95 19.27
CA GLU A 189 -10.08 0.90 18.46
C GLU A 189 -9.79 0.29 17.09
N ALA A 190 -8.61 0.59 16.56
CA ALA A 190 -8.20 0.05 15.27
C ALA A 190 -7.95 -1.44 15.45
N ARG A 191 -7.36 -1.80 16.58
CA ARG A 191 -7.07 -3.20 16.88
C ARG A 191 -8.39 -3.96 16.96
N ARG A 192 -9.47 -3.23 17.22
CA ARG A 192 -10.78 -3.84 17.31
C ARG A 192 -11.31 -4.14 15.90
N ALA A 193 -11.08 -3.21 14.99
CA ALA A 193 -11.49 -3.40 13.61
C ALA A 193 -10.72 -4.59 13.04
N LEU A 194 -9.49 -4.78 13.54
CA LEU A 194 -8.63 -5.86 13.07
C LEU A 194 -8.86 -7.19 13.80
N ALA A 195 -9.88 -7.26 14.64
CA ALA A 195 -10.17 -8.49 15.37
C ALA A 195 -10.56 -9.61 14.40
N SER A 196 -10.90 -9.23 13.18
CA SER A 196 -11.27 -10.20 12.17
C SER A 196 -10.79 -9.70 10.82
N LEU A 197 -10.46 -10.60 9.91
CA LEU A 197 -10.03 -10.19 8.59
C LEU A 197 -11.09 -10.49 7.56
N GLN A 198 -12.28 -10.84 8.04
CA GLN A 198 -13.40 -11.12 7.16
C GLN A 198 -13.86 -9.81 6.53
N PRO A 199 -14.70 -9.88 5.49
CA PRO A 199 -15.19 -8.67 4.82
C PRO A 199 -15.74 -7.61 5.77
N GLY A 200 -15.35 -6.36 5.54
CA GLY A 200 -15.82 -5.28 6.38
C GLY A 200 -17.22 -4.85 5.98
N GLN A 201 -18.00 -4.43 6.97
CA GLN A 201 -19.37 -4.01 6.72
C GLN A 201 -19.54 -2.55 7.11
N ALA A 202 -18.40 -1.89 7.26
CA ALA A 202 -18.35 -0.48 7.64
C ALA A 202 -17.01 0.05 7.15
N THR A 203 -16.97 1.34 6.84
CA THR A 203 -15.77 2.00 6.35
C THR A 203 -14.50 1.68 7.12
N ALA A 204 -14.52 1.90 8.43
CA ALA A 204 -13.33 1.64 9.25
C ALA A 204 -12.84 0.21 9.09
N GLU A 205 -13.76 -0.75 9.13
CA GLU A 205 -13.40 -2.15 8.98
C GLU A 205 -12.81 -2.48 7.61
N ALA A 206 -13.45 -1.96 6.56
CA ALA A 206 -12.99 -2.23 5.20
C ALA A 206 -11.55 -1.79 4.97
N VAL A 207 -11.22 -0.57 5.39
CA VAL A 207 -9.90 0.01 5.24
C VAL A 207 -8.81 -0.69 6.05
N GLU A 208 -9.04 -0.84 7.36
CA GLU A 208 -8.08 -1.50 8.25
C GLU A 208 -7.81 -2.94 7.84
N ARG A 209 -8.87 -3.69 7.56
CA ARG A 209 -8.70 -5.08 7.17
C ARG A 209 -8.13 -5.15 5.74
N GLY A 210 -8.52 -4.21 4.89
CA GLY A 210 -8.03 -4.20 3.53
C GLY A 210 -6.52 -4.03 3.51
N CYS A 211 -6.05 -3.00 4.19
CA CYS A 211 -4.64 -2.70 4.28
C CYS A 211 -3.81 -3.79 4.97
N LEU A 212 -4.34 -4.37 6.04
CA LEU A 212 -3.60 -5.44 6.73
C LEU A 212 -3.50 -6.66 5.79
N LEU A 213 -4.56 -6.95 5.04
CA LEU A 213 -4.52 -8.09 4.12
C LEU A 213 -3.53 -7.84 2.99
N MSE A 214 -3.35 -6.56 2.66
CA MSE A 214 -2.43 -6.18 1.61
C MSE A 214 -1.02 -6.38 2.15
O MSE A 214 -0.14 -6.90 1.46
CB MSE A 214 -2.67 -4.73 1.21
CG MSE A 214 -1.63 -4.17 0.25
SE MSE A 214 -2.24 -2.61 -0.76
CE MSE A 214 -3.03 -3.55 -2.23
N LEU A 215 -0.81 -5.98 3.40
CA LEU A 215 0.48 -6.14 4.04
C LEU A 215 0.80 -7.64 4.20
N ARG A 216 -0.18 -8.41 4.69
CA ARG A 216 0.03 -9.84 4.87
C ARG A 216 0.30 -10.50 3.51
N GLY A 217 -0.36 -10.00 2.47
CA GLY A 217 -0.17 -10.53 1.12
C GLY A 217 1.27 -10.29 0.65
N PHE A 218 1.76 -9.08 0.87
CA PHE A 218 3.12 -8.72 0.50
C PHE A 218 4.12 -9.66 1.15
N VAL A 219 3.93 -9.92 2.44
CA VAL A 219 4.83 -10.80 3.18
C VAL A 219 4.87 -12.20 2.58
N ARG A 220 3.71 -12.72 2.18
CA ARG A 220 3.67 -14.04 1.56
C ARG A 220 4.40 -14.03 0.21
N GLU A 221 4.30 -12.91 -0.51
CA GLU A 221 4.98 -12.81 -1.81
C GLU A 221 6.49 -12.80 -1.59
N GLN A 222 6.93 -12.21 -0.47
CA GLN A 222 8.35 -12.14 -0.16
C GLN A 222 8.87 -13.51 0.23
N TYR A 223 8.11 -14.23 1.03
CA TYR A 223 8.53 -15.57 1.41
C TYR A 223 8.64 -16.46 0.17
N ALA A 224 7.66 -16.35 -0.73
CA ALA A 224 7.68 -17.13 -1.97
C ALA A 224 8.89 -16.79 -2.83
N MSE A 225 9.20 -15.49 -2.93
CA MSE A 225 10.35 -15.05 -3.72
C MSE A 225 11.65 -15.57 -3.09
O MSE A 225 12.55 -15.99 -3.80
CB MSE A 225 10.36 -13.52 -3.80
CG MSE A 225 11.46 -12.92 -4.68
SE MSE A 225 11.24 -13.29 -6.60
CE MSE A 225 9.59 -12.31 -6.88
N ALA A 226 11.72 -15.53 -1.76
CA ALA A 226 12.91 -16.00 -1.07
C ALA A 226 13.09 -17.52 -1.26
N CYS A 227 12.01 -18.27 -1.17
CA CYS A 227 12.10 -19.72 -1.37
C CYS A 227 12.69 -19.99 -2.74
N GLU A 228 12.24 -19.22 -3.73
CA GLU A 228 12.71 -19.38 -5.11
C GLU A 228 14.17 -18.98 -5.34
N LEU A 229 14.61 -17.87 -4.75
CA LEU A 229 15.98 -17.41 -4.96
C LEU A 229 16.95 -17.82 -3.87
N LEU A 230 16.44 -18.09 -2.67
CA LEU A 230 17.31 -18.46 -1.56
C LEU A 230 17.17 -19.89 -1.08
N GLY A 231 16.06 -20.53 -1.39
CA GLY A 231 15.86 -21.89 -0.91
C GLY A 231 14.87 -21.83 0.24
N PRO A 232 14.05 -22.88 0.43
CA PRO A 232 13.04 -22.98 1.50
C PRO A 232 13.55 -22.85 2.92
N ASP A 233 14.83 -23.15 3.13
CA ASP A 233 15.40 -23.10 4.47
C ASP A 233 16.12 -21.80 4.83
N CYS A 234 15.83 -20.72 4.12
CA CYS A 234 16.49 -19.44 4.41
C CYS A 234 16.00 -18.88 5.73
N GLU A 235 16.85 -18.13 6.42
CA GLU A 235 16.45 -17.52 7.68
C GLU A 235 15.60 -16.29 7.38
N ILE A 236 14.59 -16.07 8.21
CA ILE A 236 13.70 -14.94 8.04
C ILE A 236 13.80 -14.00 9.25
N PHE A 237 14.02 -12.72 8.96
CA PHE A 237 14.14 -11.70 9.99
C PHE A 237 13.07 -10.62 9.80
N LEU A 238 12.30 -10.37 10.86
CA LEU A 238 11.28 -9.34 10.79
C LEU A 238 11.66 -8.27 11.83
N THR A 239 11.42 -7.01 11.49
CA THR A 239 11.70 -5.90 12.40
C THR A 239 10.63 -4.83 12.14
N GLY A 240 10.74 -3.68 12.81
CA GLY A 240 9.75 -2.64 12.60
C GLY A 240 8.60 -2.80 13.60
N GLY A 241 7.87 -1.72 13.83
CA GLY A 241 6.77 -1.77 14.79
C GLY A 241 5.55 -2.59 14.45
N ASP A 242 5.38 -2.97 13.18
CA ASP A 242 4.22 -3.77 12.78
C ASP A 242 4.56 -5.25 12.52
N ALA A 243 5.72 -5.71 12.97
CA ALA A 243 6.12 -7.10 12.75
C ALA A 243 5.09 -8.04 13.34
N GLU A 244 4.57 -7.68 14.51
CA GLU A 244 3.59 -8.49 15.20
C GLU A 244 2.34 -8.80 14.35
N LEU A 245 1.94 -7.86 13.50
CA LEU A 245 0.77 -8.05 12.66
C LEU A 245 0.92 -9.14 11.61
N VAL A 246 2.16 -9.57 11.34
CA VAL A 246 2.37 -10.57 10.31
C VAL A 246 3.21 -11.77 10.73
N ARG A 247 3.72 -11.76 11.96
CA ARG A 247 4.57 -12.88 12.38
C ARG A 247 3.92 -14.25 12.34
N ASP A 248 2.61 -14.32 12.55
CA ASP A 248 1.90 -15.59 12.53
C ASP A 248 2.03 -16.28 11.18
N GLU A 249 2.28 -15.50 10.12
CA GLU A 249 2.42 -16.06 8.77
C GLU A 249 3.68 -16.89 8.59
N LEU A 250 4.74 -16.52 9.31
CA LEU A 250 6.02 -17.20 9.20
C LEU A 250 6.43 -17.71 10.58
N ALA A 251 5.92 -18.90 10.91
CA ALA A 251 6.15 -19.54 12.20
C ALA A 251 7.57 -19.47 12.74
N GLY A 252 8.57 -19.67 11.88
CA GLY A 252 9.94 -19.63 12.36
C GLY A 252 10.67 -18.30 12.24
N ALA A 253 9.99 -17.26 11.79
CA ALA A 253 10.64 -15.95 11.64
C ALA A 253 11.21 -15.43 12.95
N ARG A 254 12.35 -14.76 12.86
CA ARG A 254 12.98 -14.16 14.04
C ARG A 254 12.55 -12.70 14.11
N ILE A 255 11.88 -12.32 15.18
CA ILE A 255 11.45 -10.94 15.33
C ILE A 255 12.52 -10.18 16.11
N MSE A 256 13.08 -9.16 15.49
CA MSE A 256 14.13 -8.38 16.14
C MSE A 256 13.91 -6.88 16.01
O MSE A 256 14.35 -6.25 15.04
CB MSE A 256 15.48 -8.79 15.58
CG MSE A 256 15.88 -10.21 15.95
SE MSE A 256 17.59 -10.66 15.20
CE MSE A 256 18.68 -9.43 16.24
N PRO A 257 13.23 -6.28 17.00
CA PRO A 257 12.94 -4.85 17.03
C PRO A 257 14.17 -3.97 16.85
N ASP A 258 15.31 -4.43 17.35
CA ASP A 258 16.54 -3.65 17.28
C ASP A 258 17.58 -4.10 16.25
N LEU A 259 17.13 -4.77 15.20
CA LEU A 259 18.03 -5.26 14.14
C LEU A 259 18.99 -4.19 13.63
N VAL A 260 18.44 -3.04 13.25
CA VAL A 260 19.28 -1.98 12.72
C VAL A 260 20.40 -1.61 13.70
N PHE A 261 20.09 -1.59 14.99
CA PHE A 261 21.10 -1.27 15.99
C PHE A 261 22.21 -2.33 16.06
N VAL A 262 21.89 -3.56 15.70
CA VAL A 262 22.89 -4.62 15.68
C VAL A 262 23.84 -4.25 14.54
N GLY A 263 23.27 -3.84 13.42
CA GLY A 263 24.09 -3.44 12.28
C GLY A 263 24.87 -2.16 12.54
N LEU A 264 24.29 -1.25 13.32
CA LEU A 264 24.96 0.00 13.61
C LEU A 264 26.24 -0.23 14.41
N ALA A 265 26.24 -1.25 15.26
CA ALA A 265 27.43 -1.53 16.06
C ALA A 265 28.52 -2.02 15.12
N LEU A 266 28.14 -2.75 14.09
CA LEU A 266 29.11 -3.26 13.13
C LEU A 266 29.66 -2.13 12.28
N ALA A 267 28.80 -1.18 11.92
CA ALA A 267 29.19 -0.04 11.09
C ALA A 267 30.02 0.99 11.87
N CYS A 268 29.71 1.15 13.16
CA CYS A 268 30.43 2.12 13.99
C CYS A 268 30.87 1.48 15.30
N PRO A 269 31.94 0.66 15.25
CA PRO A 269 32.44 0.01 16.45
C PRO A 269 32.99 1.01 17.45
N ILE A 270 32.80 0.75 18.73
CA ILE A 270 33.28 1.65 19.77
C ILE A 270 34.11 0.90 20.82
N GLU A 271 35.16 1.57 21.29
CA GLU A 271 36.09 1.04 22.29
C GLU A 271 35.99 -0.48 22.48
N SER B 23 -31.33 7.58 -31.14
CA SER B 23 -31.01 8.21 -29.82
C SER B 23 -30.11 7.30 -28.99
N MSE B 24 -29.12 7.91 -28.34
CA MSE B 24 -28.19 7.18 -27.52
C MSE B 24 -28.24 7.62 -26.07
O MSE B 24 -28.98 8.55 -25.73
CB MSE B 24 -26.79 7.36 -28.09
CG MSE B 24 -26.67 6.87 -29.52
SE MSE B 24 -24.93 7.18 -30.22
CE MSE B 24 -25.29 6.89 -32.10
N ILE B 25 -27.47 6.95 -25.22
CA ILE B 25 -27.43 7.28 -23.80
C ILE B 25 -26.04 7.62 -23.32
N LEU B 26 -25.94 8.71 -22.56
CA LEU B 26 -24.66 9.13 -21.99
C LEU B 26 -24.60 8.56 -20.58
N GLU B 27 -23.51 7.87 -20.27
CA GLU B 27 -23.36 7.27 -18.96
C GLU B 27 -22.11 7.80 -18.26
N LEU B 28 -22.23 8.09 -16.97
CA LEU B 28 -21.09 8.61 -16.23
C LEU B 28 -20.88 7.99 -14.85
N ASP B 29 -19.62 7.83 -14.51
CA ASP B 29 -19.22 7.29 -13.21
C ASP B 29 -18.34 8.36 -12.59
N CYS B 30 -18.92 9.14 -11.67
CA CYS B 30 -18.17 10.21 -11.03
C CYS B 30 -17.45 9.75 -9.76
N GLY B 31 -16.15 9.52 -9.88
CA GLY B 31 -15.37 9.10 -8.74
C GLY B 31 -14.89 10.31 -7.98
N ASN B 32 -14.05 10.10 -6.97
CA ASN B 32 -13.53 11.22 -6.18
C ASN B 32 -12.63 12.10 -7.04
N SER B 33 -11.90 11.47 -7.95
CA SER B 33 -10.98 12.20 -8.83
C SER B 33 -11.47 12.27 -10.27
N LEU B 34 -11.15 11.24 -11.04
CA LEU B 34 -11.53 11.19 -12.45
C LEU B 34 -12.99 10.86 -12.66
N ILE B 35 -13.51 11.22 -13.82
CA ILE B 35 -14.89 10.96 -14.19
C ILE B 35 -14.95 10.14 -15.47
N LYS B 36 -15.07 8.82 -15.35
CA LYS B 36 -15.14 7.94 -16.51
C LYS B 36 -16.53 8.02 -17.12
N TRP B 37 -16.59 8.22 -18.44
CA TRP B 37 -17.87 8.30 -19.13
C TRP B 37 -17.85 7.52 -20.45
N ARG B 38 -19.02 7.39 -21.05
CA ARG B 38 -19.14 6.69 -22.32
C ARG B 38 -20.53 6.95 -22.88
N VAL B 39 -20.67 6.74 -24.18
CA VAL B 39 -21.95 6.91 -24.86
C VAL B 39 -22.25 5.54 -25.44
N ILE B 40 -23.50 5.09 -25.32
CA ILE B 40 -23.86 3.79 -25.86
C ILE B 40 -25.06 3.85 -26.78
N GLU B 41 -25.04 3.01 -27.81
CA GLU B 41 -26.13 2.92 -28.76
C GLU B 41 -26.83 1.62 -28.40
N GLY B 42 -28.16 1.60 -28.52
CA GLY B 42 -28.89 0.40 -28.18
C GLY B 42 -28.70 0.05 -26.71
N ALA B 43 -28.84 -1.22 -26.39
CA ALA B 43 -28.71 -1.71 -25.02
C ALA B 43 -27.40 -1.38 -24.31
N ALA B 44 -26.28 -1.59 -24.97
CA ALA B 44 -25.00 -1.35 -24.33
C ALA B 44 -23.79 -1.29 -25.26
N ARG B 45 -23.98 -0.97 -26.52
CA ARG B 45 -22.81 -0.90 -27.39
C ARG B 45 -22.12 0.47 -27.26
N SER B 46 -20.93 0.45 -26.66
CA SER B 46 -20.16 1.67 -26.46
C SER B 46 -19.57 2.20 -27.77
N VAL B 47 -19.79 3.48 -28.05
CA VAL B 47 -19.27 4.07 -29.28
C VAL B 47 -18.34 5.27 -29.02
N ALA B 48 -18.22 5.64 -27.74
CA ALA B 48 -17.37 6.76 -27.34
C ALA B 48 -17.25 6.82 -25.81
N GLY B 49 -16.13 7.35 -25.32
CA GLY B 49 -15.93 7.46 -23.89
C GLY B 49 -14.55 7.99 -23.53
N GLY B 50 -14.29 8.19 -22.24
CA GLY B 50 -13.00 8.69 -21.82
C GLY B 50 -12.93 9.07 -20.34
N LEU B 51 -11.71 9.26 -19.84
CA LEU B 51 -11.47 9.63 -18.44
C LEU B 51 -11.18 11.11 -18.27
N ALA B 52 -12.11 11.84 -17.65
CA ALA B 52 -11.97 13.27 -17.42
C ALA B 52 -11.50 13.53 -15.99
N GLU B 53 -10.25 13.94 -15.85
CA GLU B 53 -9.68 14.21 -14.53
C GLU B 53 -10.28 15.41 -13.81
N SER B 54 -11.25 16.06 -14.43
CA SER B 54 -11.89 17.21 -13.82
C SER B 54 -13.19 17.57 -14.51
N ASP B 55 -14.08 18.23 -13.78
CA ASP B 55 -15.38 18.64 -14.32
C ASP B 55 -15.19 19.43 -15.61
N ASP B 56 -13.99 19.94 -15.83
CA ASP B 56 -13.69 20.71 -17.03
C ASP B 56 -13.19 19.81 -18.15
N ALA B 57 -12.26 18.93 -17.82
CA ALA B 57 -11.70 18.01 -18.80
C ALA B 57 -12.77 17.00 -19.21
N LEU B 58 -14.03 17.37 -19.00
CA LEU B 58 -15.16 16.51 -19.34
C LEU B 58 -16.11 17.20 -20.30
N VAL B 59 -16.69 18.31 -19.88
CA VAL B 59 -17.62 19.07 -20.70
C VAL B 59 -17.00 19.35 -22.05
N GLU B 60 -15.71 19.71 -22.05
CA GLU B 60 -15.00 20.00 -23.27
C GLU B 60 -14.64 18.68 -23.93
N GLN B 61 -14.35 17.67 -23.11
CA GLN B 61 -14.00 16.36 -23.61
C GLN B 61 -15.16 15.76 -24.39
N LEU B 62 -16.36 16.27 -24.15
CA LEU B 62 -17.55 15.82 -24.85
C LEU B 62 -17.68 16.66 -26.11
N THR B 63 -16.63 17.42 -26.40
CA THR B 63 -16.61 18.30 -27.57
C THR B 63 -15.74 17.73 -28.67
N SER B 64 -14.47 17.47 -28.36
CA SER B 64 -13.50 16.93 -29.31
C SER B 64 -14.19 16.05 -30.37
N GLN B 65 -14.17 14.74 -30.17
CA GLN B 65 -14.82 13.83 -31.10
C GLN B 65 -16.30 13.95 -30.78
N GLN B 66 -17.01 14.81 -31.51
CA GLN B 66 -18.43 15.01 -31.24
C GLN B 66 -19.34 14.80 -32.44
N ALA B 67 -20.62 14.56 -32.12
CA ALA B 67 -21.68 14.34 -33.10
C ALA B 67 -22.82 13.67 -32.34
N LEU B 68 -22.54 12.44 -31.89
CA LEU B 68 -23.47 11.61 -31.15
C LEU B 68 -24.69 12.33 -30.58
N PRO B 69 -25.89 11.90 -31.01
CA PRO B 69 -27.16 12.47 -30.57
C PRO B 69 -27.73 11.78 -29.33
N VAL B 70 -27.31 12.22 -28.16
CA VAL B 70 -27.78 11.61 -26.92
C VAL B 70 -29.16 12.17 -26.60
N ARG B 71 -30.09 11.30 -26.19
CA ARG B 71 -31.43 11.73 -25.85
C ARG B 71 -31.86 11.15 -24.51
N ALA B 72 -30.87 10.78 -23.71
CA ALA B 72 -31.09 10.22 -22.38
C ALA B 72 -29.75 10.20 -21.67
N CYS B 73 -29.77 10.10 -20.36
CA CYS B 73 -28.54 10.09 -19.58
C CYS B 73 -28.74 9.56 -18.16
N ARG B 74 -27.76 8.83 -17.66
CA ARG B 74 -27.81 8.28 -16.30
C ARG B 74 -26.41 8.26 -15.75
N LEU B 75 -26.29 8.43 -14.43
CA LEU B 75 -24.98 8.42 -13.80
C LEU B 75 -25.02 8.07 -12.33
N VAL B 76 -23.86 7.67 -11.83
CA VAL B 76 -23.70 7.33 -10.43
C VAL B 76 -22.57 8.24 -9.94
N SER B 77 -22.71 8.75 -8.73
CA SER B 77 -21.69 9.65 -8.20
C SER B 77 -21.42 9.45 -6.72
N VAL B 78 -20.15 9.56 -6.36
CA VAL B 78 -19.74 9.42 -4.98
C VAL B 78 -19.27 10.79 -4.47
N ARG B 79 -19.86 11.84 -5.02
CA ARG B 79 -19.50 13.20 -4.64
C ARG B 79 -20.63 13.91 -3.90
N SER B 80 -20.30 15.05 -3.31
CA SER B 80 -21.27 15.85 -2.57
C SER B 80 -22.50 16.10 -3.41
N GLU B 81 -23.67 16.12 -2.77
CA GLU B 81 -24.91 16.37 -3.49
C GLU B 81 -24.79 17.74 -4.16
N GLN B 82 -23.75 18.47 -3.77
CA GLN B 82 -23.45 19.78 -4.32
C GLN B 82 -22.75 19.55 -5.64
N GLU B 83 -21.53 19.02 -5.55
CA GLU B 83 -20.72 18.73 -6.72
C GLU B 83 -21.50 17.93 -7.75
N THR B 84 -22.40 17.08 -7.28
CA THR B 84 -23.20 16.25 -8.17
C THR B 84 -23.97 17.13 -9.15
N SER B 85 -24.84 17.98 -8.64
CA SER B 85 -25.61 18.86 -9.52
C SER B 85 -24.67 19.84 -10.21
N GLN B 86 -23.46 19.96 -9.69
CA GLN B 86 -22.44 20.84 -10.27
C GLN B 86 -21.98 20.24 -11.60
N LEU B 87 -22.03 18.91 -11.68
CA LEU B 87 -21.64 18.21 -12.88
C LEU B 87 -22.89 18.04 -13.73
N VAL B 88 -24.00 17.76 -13.07
CA VAL B 88 -25.28 17.58 -13.75
C VAL B 88 -25.68 18.89 -14.41
N ALA B 89 -25.16 19.98 -13.87
CA ALA B 89 -25.44 21.32 -14.38
C ALA B 89 -25.02 21.45 -15.84
N ARG B 90 -23.71 21.51 -16.08
CA ARG B 90 -23.19 21.64 -17.44
C ARG B 90 -23.58 20.50 -18.37
N LEU B 91 -24.44 19.59 -17.91
CA LEU B 91 -24.89 18.48 -18.73
C LEU B 91 -26.32 18.70 -19.16
N GLU B 92 -27.15 19.11 -18.22
CA GLU B 92 -28.56 19.38 -18.50
C GLU B 92 -28.69 20.43 -19.60
N GLN B 93 -27.59 21.12 -19.89
CA GLN B 93 -27.57 22.16 -20.91
C GLN B 93 -27.03 21.65 -22.24
N LEU B 94 -26.03 20.76 -22.17
CA LEU B 94 -25.41 20.20 -23.37
C LEU B 94 -26.29 19.18 -24.08
N PHE B 95 -27.27 18.62 -23.37
CA PHE B 95 -28.12 17.60 -23.97
C PHE B 95 -29.58 17.71 -23.52
N PRO B 96 -30.51 17.51 -24.46
CA PRO B 96 -31.95 17.58 -24.18
C PRO B 96 -32.38 16.32 -23.44
N VAL B 97 -31.86 16.15 -22.22
CA VAL B 97 -32.16 14.96 -21.44
C VAL B 97 -32.42 15.24 -19.96
N SER B 98 -33.34 14.48 -19.38
CA SER B 98 -33.67 14.60 -17.97
C SER B 98 -32.81 13.56 -17.26
N ALA B 99 -31.62 13.98 -16.83
CA ALA B 99 -30.66 13.10 -16.17
C ALA B 99 -31.19 12.24 -15.02
N LEU B 100 -30.77 10.98 -15.02
CA LEU B 100 -31.16 10.02 -13.98
C LEU B 100 -29.95 9.78 -13.09
N VAL B 101 -30.14 9.88 -11.78
CA VAL B 101 -29.06 9.68 -10.83
C VAL B 101 -29.30 8.45 -9.96
N ALA B 102 -28.30 7.58 -9.90
CA ALA B 102 -28.40 6.36 -9.11
C ALA B 102 -28.30 6.73 -7.63
N SER B 103 -29.06 6.02 -6.79
CA SER B 103 -29.05 6.28 -5.37
C SER B 103 -28.80 5.01 -4.56
N SER B 104 -28.34 5.18 -3.32
CA SER B 104 -28.07 4.07 -2.42
C SER B 104 -29.32 3.24 -2.23
N GLY B 105 -29.12 1.99 -1.86
CA GLY B 105 -30.25 1.12 -1.63
C GLY B 105 -29.82 -0.07 -0.80
N LYS B 106 -30.78 -0.72 -0.16
CA LYS B 106 -30.50 -1.89 0.65
C LYS B 106 -30.61 -3.12 -0.23
N GLN B 107 -31.14 -2.93 -1.44
CA GLN B 107 -31.30 -4.05 -2.34
C GLN B 107 -31.46 -3.57 -3.78
N LEU B 108 -30.91 -4.33 -4.71
CA LEU B 108 -31.01 -3.97 -6.12
C LEU B 108 -30.78 -5.18 -7.00
N ALA B 109 -31.74 -5.43 -7.89
CA ALA B 109 -31.65 -6.54 -8.81
C ALA B 109 -31.38 -7.87 -8.13
N GLY B 110 -31.94 -8.05 -6.94
CA GLY B 110 -31.75 -9.30 -6.22
C GLY B 110 -30.47 -9.41 -5.39
N VAL B 111 -29.83 -8.28 -5.16
CA VAL B 111 -28.61 -8.25 -4.37
C VAL B 111 -28.82 -7.39 -3.13
N ARG B 112 -28.37 -7.89 -1.98
CA ARG B 112 -28.54 -7.19 -0.72
C ARG B 112 -27.29 -6.47 -0.23
N ASN B 113 -27.39 -5.17 0.02
CA ASN B 113 -26.27 -4.35 0.50
C ASN B 113 -25.80 -4.93 1.85
N GLY B 114 -24.49 -5.17 1.96
CA GLY B 114 -23.97 -5.77 3.17
C GLY B 114 -23.42 -4.86 4.26
N TYR B 115 -23.44 -3.55 4.04
CA TYR B 115 -22.96 -2.63 5.06
C TYR B 115 -24.01 -2.40 6.15
N LEU B 116 -23.56 -2.25 7.39
CA LEU B 116 -24.46 -2.00 8.52
C LEU B 116 -25.30 -0.76 8.20
N ASP B 117 -24.67 0.26 7.65
CA ASP B 117 -25.36 1.48 7.24
C ASP B 117 -25.23 1.45 5.72
N TYR B 118 -26.25 0.91 5.04
CA TYR B 118 -26.22 0.78 3.60
C TYR B 118 -25.78 2.00 2.81
N GLN B 119 -25.93 3.19 3.38
CA GLN B 119 -25.56 4.43 2.70
C GLN B 119 -24.07 4.76 2.73
N ARG B 120 -23.31 4.06 3.56
CA ARG B 120 -21.89 4.31 3.68
C ARG B 120 -21.05 3.59 2.62
N LEU B 121 -21.69 2.69 1.89
CA LEU B 121 -21.02 1.93 0.85
C LEU B 121 -20.88 2.76 -0.42
N GLY B 122 -19.66 2.87 -0.94
CA GLY B 122 -19.43 3.63 -2.15
C GLY B 122 -20.40 3.19 -3.24
N LEU B 123 -21.17 4.13 -3.76
CA LEU B 123 -22.16 3.81 -4.79
C LEU B 123 -21.57 3.11 -6.02
N ASP B 124 -20.35 3.47 -6.39
CA ASP B 124 -19.70 2.84 -7.54
C ASP B 124 -19.43 1.36 -7.23
N ARG B 125 -18.88 1.09 -6.05
CA ARG B 125 -18.60 -0.29 -5.64
C ARG B 125 -19.91 -1.06 -5.67
N TRP B 126 -20.93 -0.46 -5.06
CA TRP B 126 -22.26 -1.05 -4.97
C TRP B 126 -22.79 -1.49 -6.32
N LEU B 127 -22.82 -0.58 -7.29
CA LEU B 127 -23.34 -0.94 -8.61
C LEU B 127 -22.50 -2.00 -9.32
N ALA B 128 -21.19 -1.98 -9.09
CA ALA B 128 -20.32 -2.96 -9.73
C ALA B 128 -20.54 -4.37 -9.16
N LEU B 129 -20.65 -4.49 -7.83
CA LEU B 129 -20.85 -5.80 -7.22
C LEU B 129 -22.24 -6.36 -7.54
N VAL B 130 -23.23 -5.47 -7.67
CA VAL B 130 -24.58 -5.88 -8.02
C VAL B 130 -24.55 -6.42 -9.45
N ALA B 131 -23.89 -5.68 -10.35
CA ALA B 131 -23.78 -6.14 -11.73
C ALA B 131 -23.14 -7.53 -11.78
N ALA B 132 -22.08 -7.72 -11.01
CA ALA B 132 -21.39 -9.01 -10.99
C ALA B 132 -22.32 -10.15 -10.63
N HIS B 133 -23.03 -10.03 -9.53
CA HIS B 133 -23.94 -11.09 -9.13
C HIS B 133 -25.08 -11.22 -10.15
N HIS B 134 -25.56 -10.08 -10.64
CA HIS B 134 -26.62 -10.12 -11.64
C HIS B 134 -26.18 -10.99 -12.84
N LEU B 135 -24.92 -10.87 -13.24
CA LEU B 135 -24.43 -11.63 -14.38
C LEU B 135 -24.09 -13.09 -14.07
N ALA B 136 -23.55 -13.35 -12.90
CA ALA B 136 -23.15 -14.71 -12.52
C ALA B 136 -24.27 -15.56 -11.93
N LYS B 137 -25.12 -14.94 -11.10
CA LYS B 137 -26.19 -15.68 -10.43
C LYS B 137 -25.54 -16.75 -9.57
N LYS B 138 -24.29 -16.49 -9.21
CA LYS B 138 -23.46 -17.36 -8.36
C LYS B 138 -22.72 -16.46 -7.38
N ALA B 139 -22.00 -17.07 -6.46
CA ALA B 139 -21.22 -16.29 -5.51
C ALA B 139 -20.07 -15.67 -6.29
N CYS B 140 -19.72 -14.43 -5.97
CA CYS B 140 -18.58 -13.83 -6.66
C CYS B 140 -17.67 -12.94 -5.86
N LEU B 141 -16.46 -12.85 -6.36
CA LEU B 141 -15.42 -12.01 -5.79
C LEU B 141 -15.28 -10.89 -6.82
N VAL B 142 -15.39 -9.65 -6.36
CA VAL B 142 -15.31 -8.49 -7.23
C VAL B 142 -14.23 -7.51 -6.78
N ILE B 143 -13.18 -7.38 -7.58
CA ILE B 143 -12.07 -6.49 -7.26
C ILE B 143 -11.89 -5.40 -8.30
N ASP B 144 -11.80 -4.15 -7.83
CA ASP B 144 -11.62 -2.98 -8.68
C ASP B 144 -10.20 -2.45 -8.45
N LEU B 145 -9.33 -2.63 -9.45
CA LEU B 145 -7.94 -2.20 -9.37
C LEU B 145 -7.77 -0.80 -9.96
N GLY B 146 -8.09 0.23 -9.19
CA GLY B 146 -7.96 1.59 -9.67
C GLY B 146 -6.95 2.38 -8.86
N THR B 147 -7.16 3.69 -8.75
CA THR B 147 -6.28 4.56 -7.97
C THR B 147 -6.28 3.97 -6.57
N ALA B 148 -7.47 3.56 -6.13
CA ALA B 148 -7.65 2.91 -4.85
C ALA B 148 -8.11 1.51 -5.25
N VAL B 149 -7.90 0.53 -4.39
CA VAL B 149 -8.33 -0.82 -4.70
C VAL B 149 -9.47 -1.24 -3.77
N THR B 150 -10.54 -1.81 -4.33
CA THR B 150 -11.63 -2.29 -3.48
C THR B 150 -11.96 -3.74 -3.85
N SER B 151 -12.47 -4.48 -2.88
CA SER B 151 -12.82 -5.87 -3.07
C SER B 151 -14.08 -6.20 -2.30
N ASP B 152 -15.05 -6.82 -2.98
CA ASP B 152 -16.30 -7.21 -2.35
C ASP B 152 -16.69 -8.65 -2.66
N LEU B 153 -17.32 -9.30 -1.70
CA LEU B 153 -17.73 -10.68 -1.85
C LEU B 153 -19.25 -10.78 -1.74
N VAL B 154 -19.84 -11.59 -2.61
CA VAL B 154 -21.28 -11.78 -2.63
C VAL B 154 -21.60 -13.26 -2.62
N ALA B 155 -22.42 -13.68 -1.67
CA ALA B 155 -22.83 -15.08 -1.57
C ALA B 155 -23.69 -15.43 -2.77
N ALA B 156 -23.86 -16.72 -3.03
CA ALA B 156 -24.66 -17.18 -4.16
C ALA B 156 -26.12 -16.71 -4.09
N ASP B 157 -26.63 -16.46 -2.88
CA ASP B 157 -28.01 -16.00 -2.76
C ASP B 157 -28.13 -14.48 -2.97
N GLY B 158 -27.05 -13.86 -3.43
CA GLY B 158 -27.10 -12.43 -3.68
C GLY B 158 -26.83 -11.56 -2.47
N VAL B 159 -26.41 -12.15 -1.37
CA VAL B 159 -26.12 -11.38 -0.18
C VAL B 159 -24.66 -10.93 -0.13
N HIS B 160 -24.47 -9.62 -0.13
CA HIS B 160 -23.16 -8.98 -0.08
C HIS B 160 -22.61 -9.15 1.33
N LEU B 161 -21.45 -9.79 1.44
CA LEU B 161 -20.83 -10.04 2.74
C LEU B 161 -20.07 -8.83 3.27
N GLY B 162 -19.78 -7.89 2.39
CA GLY B 162 -19.01 -6.72 2.79
C GLY B 162 -17.75 -6.71 1.94
N GLY B 163 -16.80 -5.82 2.25
CA GLY B 163 -15.59 -5.75 1.44
C GLY B 163 -14.37 -5.12 2.07
N TYR B 164 -13.39 -4.83 1.22
CA TYR B 164 -12.13 -4.25 1.65
C TYR B 164 -11.70 -3.06 0.82
N ILE B 165 -10.95 -2.15 1.43
CA ILE B 165 -10.45 -0.97 0.74
C ILE B 165 -8.96 -0.84 1.05
N CYS B 166 -8.18 -0.50 0.03
CA CYS B 166 -6.75 -0.32 0.20
C CYS B 166 -6.17 0.49 -0.95
N PRO B 167 -4.92 0.93 -0.82
CA PRO B 167 -4.32 1.71 -1.91
C PRO B 167 -3.98 0.94 -3.17
N GLY B 168 -4.09 1.64 -4.29
CA GLY B 168 -3.74 1.07 -5.58
C GLY B 168 -2.34 1.55 -5.91
N MSE B 169 -1.84 1.25 -7.11
CA MSE B 169 -0.50 1.66 -7.50
C MSE B 169 -0.22 3.17 -7.37
O MSE B 169 0.73 3.55 -6.69
CB MSE B 169 -0.19 1.23 -8.95
CG MSE B 169 -0.08 -0.30 -9.15
SE MSE B 169 1.33 -1.19 -8.12
CE MSE B 169 2.84 -0.84 -9.32
N THR B 170 -1.02 4.02 -8.00
CA THR B 170 -0.76 5.45 -7.92
C THR B 170 -0.80 5.99 -6.50
N LEU B 171 -1.72 5.50 -5.68
CA LEU B 171 -1.83 5.95 -4.30
C LEU B 171 -0.60 5.50 -3.49
N MSE B 172 -0.15 4.28 -3.72
CA MSE B 172 1.04 3.79 -3.02
C MSE B 172 2.25 4.63 -3.39
O MSE B 172 3.05 4.97 -2.52
CB MSE B 172 1.32 2.31 -3.37
CG MSE B 172 0.36 1.31 -2.80
SE MSE B 172 0.94 -0.54 -3.05
CE MSE B 172 -0.12 -0.94 -4.61
N ARG B 173 2.39 4.97 -4.66
CA ARG B 173 3.53 5.79 -5.10
C ARG B 173 3.43 7.15 -4.43
N SER B 174 2.23 7.71 -4.47
CA SER B 174 1.96 9.01 -3.87
C SER B 174 2.37 9.02 -2.40
N GLN B 175 1.97 7.98 -1.67
CA GLN B 175 2.28 7.88 -0.25
C GLN B 175 3.78 7.85 -0.01
N LEU B 176 4.49 7.04 -0.79
CA LEU B 176 5.94 6.93 -0.64
C LEU B 176 6.64 8.23 -1.01
N ARG B 177 6.16 8.88 -2.07
CA ARG B 177 6.73 10.13 -2.53
C ARG B 177 6.65 11.16 -1.42
N THR B 178 5.48 11.23 -0.80
CA THR B 178 5.23 12.16 0.29
C THR B 178 6.06 11.80 1.52
N HIS B 179 6.27 10.51 1.72
CA HIS B 179 7.04 10.04 2.85
C HIS B 179 8.51 10.46 2.78
N THR B 180 9.09 10.42 1.58
CA THR B 180 10.49 10.79 1.43
C THR B 180 10.86 11.37 0.07
N ARG B 181 11.73 12.37 0.08
CA ARG B 181 12.18 13.01 -1.14
C ARG B 181 13.13 12.11 -1.93
N ARG B 182 13.63 11.06 -1.26
CA ARG B 182 14.55 10.11 -1.88
C ARG B 182 13.88 9.25 -2.94
N ILE B 183 12.56 9.31 -3.02
CA ILE B 183 11.83 8.51 -3.99
C ILE B 183 11.26 9.38 -5.11
N ARG B 184 12.02 9.49 -6.20
CA ARG B 184 11.63 10.28 -7.37
C ARG B 184 12.29 9.76 -8.64
N TYR B 185 11.48 9.46 -9.66
CA TYR B 185 12.00 8.97 -10.93
C TYR B 185 11.01 9.16 -12.07
N ASP B 186 11.51 8.98 -13.30
CA ASP B 186 10.71 9.15 -14.51
C ASP B 186 9.74 8.00 -14.74
N ASP B 187 8.71 8.28 -15.55
CA ASP B 187 7.71 7.29 -15.90
C ASP B 187 8.40 6.18 -16.69
N ALA B 188 9.32 6.59 -17.56
CA ALA B 188 10.06 5.67 -18.39
C ALA B 188 10.83 4.69 -17.51
N GLU B 189 11.52 5.22 -16.51
CA GLU B 189 12.28 4.37 -15.61
C GLU B 189 11.32 3.49 -14.82
N ALA B 190 10.15 4.03 -14.49
CA ALA B 190 9.14 3.30 -13.76
C ALA B 190 8.63 2.11 -14.56
N ARG B 191 8.27 2.35 -15.81
CA ARG B 191 7.77 1.29 -16.67
C ARG B 191 8.85 0.23 -16.89
N ARG B 192 10.08 0.69 -17.02
CA ARG B 192 11.21 -0.20 -17.24
C ARG B 192 11.32 -1.19 -16.06
N ALA B 193 11.13 -0.68 -14.86
CA ALA B 193 11.22 -1.48 -13.63
C ALA B 193 10.30 -2.69 -13.56
N LEU B 194 9.09 -2.57 -14.10
CA LEU B 194 8.12 -3.66 -14.04
C LEU B 194 8.37 -4.85 -14.94
N ALA B 195 9.46 -4.83 -15.71
CA ALA B 195 9.76 -5.94 -16.61
C ALA B 195 10.17 -7.20 -15.85
N SER B 196 10.35 -7.05 -14.54
CA SER B 196 10.74 -8.16 -13.69
C SER B 196 10.28 -7.91 -12.26
N LEU B 197 10.12 -8.98 -11.49
CA LEU B 197 9.70 -8.85 -10.11
C LEU B 197 10.80 -9.30 -9.15
N GLN B 198 11.99 -9.52 -9.68
CA GLN B 198 13.13 -9.94 -8.87
C GLN B 198 13.54 -8.75 -8.00
N PRO B 199 14.35 -8.99 -6.97
CA PRO B 199 14.80 -7.91 -6.07
C PRO B 199 15.35 -6.69 -6.82
N GLY B 200 14.88 -5.51 -6.43
CA GLY B 200 15.32 -4.28 -7.06
C GLY B 200 16.73 -3.89 -6.66
N GLN B 201 17.47 -3.33 -7.60
CA GLN B 201 18.84 -2.91 -7.33
C GLN B 201 19.02 -1.41 -7.56
N ALA B 202 17.91 -0.69 -7.54
CA ALA B 202 17.85 0.75 -7.72
C ALA B 202 16.49 1.15 -7.13
N THR B 203 16.33 2.42 -6.76
CA THR B 203 15.11 2.90 -6.15
C THR B 203 13.81 2.65 -6.93
N ALA B 204 13.84 2.90 -8.24
CA ALA B 204 12.65 2.70 -9.06
C ALA B 204 12.30 1.22 -9.12
N GLU B 205 13.31 0.36 -9.12
CA GLU B 205 13.05 -1.08 -9.18
C GLU B 205 12.45 -1.61 -7.87
N ALA B 206 12.99 -1.17 -6.73
CA ALA B 206 12.51 -1.60 -5.43
C ALA B 206 11.09 -1.12 -5.18
N VAL B 207 10.84 0.15 -5.48
CA VAL B 207 9.53 0.75 -5.28
C VAL B 207 8.45 0.16 -6.21
N GLU B 208 8.69 0.20 -7.51
CA GLU B 208 7.71 -0.32 -8.47
C GLU B 208 7.42 -1.81 -8.28
N ARG B 209 8.46 -2.60 -8.05
CA ARG B 209 8.26 -4.04 -7.87
C ARG B 209 7.66 -4.33 -6.49
N GLY B 210 8.04 -3.52 -5.50
CA GLY B 210 7.52 -3.71 -4.16
C GLY B 210 6.02 -3.51 -4.16
N CYS B 211 5.58 -2.35 -4.64
CA CYS B 211 4.16 -2.02 -4.71
C CYS B 211 3.36 -3.00 -5.54
N LEU B 212 3.90 -3.44 -6.69
CA LEU B 212 3.19 -4.39 -7.52
C LEU B 212 3.06 -5.74 -6.82
N LEU B 213 4.11 -6.14 -6.09
CA LEU B 213 4.04 -7.42 -5.36
C LEU B 213 3.00 -7.30 -4.25
N MSE B 214 2.92 -6.13 -3.65
CA MSE B 214 1.96 -5.90 -2.59
C MSE B 214 0.56 -6.00 -3.20
O MSE B 214 -0.35 -6.58 -2.61
CB MSE B 214 2.17 -4.52 -1.97
CG MSE B 214 1.29 -4.25 -0.76
SE MSE B 214 1.68 -2.59 0.21
CE MSE B 214 2.63 -3.38 1.72
N LEU B 215 0.40 -5.45 -4.41
CA LEU B 215 -0.88 -5.48 -5.10
C LEU B 215 -1.23 -6.93 -5.48
N ARG B 216 -0.27 -7.63 -6.06
CA ARG B 216 -0.49 -9.01 -6.45
C ARG B 216 -0.71 -9.86 -5.21
N GLY B 217 -0.10 -9.45 -4.10
CA GLY B 217 -0.25 -10.18 -2.85
C GLY B 217 -1.65 -10.03 -2.29
N PHE B 218 -2.19 -8.82 -2.38
CA PHE B 218 -3.54 -8.54 -1.88
C PHE B 218 -4.57 -9.37 -2.64
N VAL B 219 -4.39 -9.46 -3.95
CA VAL B 219 -5.29 -10.22 -4.79
C VAL B 219 -5.29 -11.70 -4.43
N ARG B 220 -4.11 -12.25 -4.12
CA ARG B 220 -4.04 -13.67 -3.74
C ARG B 220 -4.72 -13.91 -2.39
N GLU B 221 -4.66 -12.92 -1.50
CA GLU B 221 -5.32 -13.03 -0.20
C GLU B 221 -6.83 -13.03 -0.43
N GLN B 222 -7.29 -12.12 -1.29
CA GLN B 222 -8.72 -12.03 -1.61
C GLN B 222 -9.21 -13.34 -2.19
N TYR B 223 -8.45 -13.91 -3.11
CA TYR B 223 -8.86 -15.18 -3.71
C TYR B 223 -8.98 -16.28 -2.65
N ALA B 224 -8.03 -16.29 -1.70
CA ALA B 224 -8.04 -17.28 -0.61
C ALA B 224 -9.27 -17.03 0.27
N MSE B 225 -9.55 -15.77 0.58
CA MSE B 225 -10.69 -15.44 1.43
C MSE B 225 -12.01 -15.86 0.76
O MSE B 225 -12.94 -16.30 1.43
CB MSE B 225 -10.73 -13.94 1.74
CG MSE B 225 -11.83 -13.53 2.70
SE MSE B 225 -11.51 -14.08 4.55
CE MSE B 225 -12.02 -15.94 4.40
N ALA B 226 -12.07 -15.73 -0.56
CA ALA B 226 -13.27 -16.08 -1.31
C ALA B 226 -13.49 -17.60 -1.34
N CYS B 227 -12.42 -18.35 -1.57
CA CYS B 227 -12.53 -19.80 -1.61
C CYS B 227 -13.07 -20.27 -0.26
N GLU B 228 -12.67 -19.55 0.79
CA GLU B 228 -13.06 -19.88 2.15
C GLU B 228 -14.52 -19.60 2.48
N LEU B 229 -14.96 -18.38 2.20
CA LEU B 229 -16.33 -17.99 2.52
C LEU B 229 -17.36 -18.28 1.42
N LEU B 230 -16.90 -18.35 0.18
CA LEU B 230 -17.80 -18.57 -0.95
C LEU B 230 -17.71 -19.94 -1.61
N GLY B 231 -16.56 -20.59 -1.47
CA GLY B 231 -16.36 -21.89 -2.10
C GLY B 231 -15.36 -21.71 -3.22
N PRO B 232 -14.59 -22.74 -3.59
CA PRO B 232 -13.60 -22.63 -4.67
C PRO B 232 -14.25 -22.43 -6.03
N ASP B 233 -15.58 -22.56 -6.05
CA ASP B 233 -16.37 -22.43 -7.27
C ASP B 233 -16.80 -21.00 -7.63
N CYS B 234 -16.59 -20.04 -6.73
CA CYS B 234 -17.00 -18.66 -6.97
C CYS B 234 -16.45 -18.01 -8.23
N GLU B 235 -17.23 -17.11 -8.82
CA GLU B 235 -16.82 -16.38 -10.02
C GLU B 235 -16.00 -15.17 -9.59
N ILE B 236 -14.98 -14.84 -10.38
CA ILE B 236 -14.14 -13.71 -10.08
C ILE B 236 -14.28 -12.62 -11.14
N PHE B 237 -14.49 -11.39 -10.70
CA PHE B 237 -14.63 -10.26 -11.61
C PHE B 237 -13.56 -9.23 -11.30
N LEU B 238 -12.85 -8.78 -12.33
CA LEU B 238 -11.82 -7.77 -12.18
C LEU B 238 -12.19 -6.57 -13.02
N THR B 239 -12.06 -5.37 -12.45
CA THR B 239 -12.37 -4.14 -13.16
C THR B 239 -11.28 -3.14 -12.77
N GLY B 240 -11.35 -1.93 -13.31
CA GLY B 240 -10.32 -0.94 -13.00
C GLY B 240 -9.18 -1.00 -14.01
N GLY B 241 -8.48 0.13 -14.16
CA GLY B 241 -7.39 0.20 -15.12
C GLY B 241 -6.19 -0.69 -14.86
N ASP B 242 -5.95 -1.07 -13.62
CA ASP B 242 -4.80 -1.90 -13.30
C ASP B 242 -5.13 -3.39 -13.21
N ALA B 243 -6.24 -3.80 -13.80
CA ALA B 243 -6.63 -5.20 -13.76
C ALA B 243 -5.61 -6.08 -14.49
N GLU B 244 -5.03 -5.54 -15.55
CA GLU B 244 -4.06 -6.30 -16.33
C GLU B 244 -2.82 -6.71 -15.54
N LEU B 245 -2.43 -5.91 -14.55
CA LEU B 245 -1.25 -6.21 -13.73
C LEU B 245 -1.42 -7.43 -12.83
N VAL B 246 -2.67 -7.86 -12.62
CA VAL B 246 -2.90 -8.99 -11.74
C VAL B 246 -3.70 -10.16 -12.30
N ARG B 247 -4.30 -9.99 -13.48
CA ARG B 247 -5.14 -11.04 -14.06
C ARG B 247 -4.48 -12.38 -14.30
N ASP B 248 -3.16 -12.40 -14.51
CA ASP B 248 -2.46 -13.66 -14.75
C ASP B 248 -2.55 -14.55 -13.52
N GLU B 249 -2.75 -13.94 -12.35
CA GLU B 249 -2.87 -14.70 -11.12
C GLU B 249 -4.17 -15.48 -11.06
N LEU B 250 -5.16 -15.07 -11.85
CA LEU B 250 -6.47 -15.72 -11.88
C LEU B 250 -6.94 -15.94 -13.31
N ALA B 251 -6.36 -16.93 -13.96
CA ALA B 251 -6.68 -17.26 -15.36
C ALA B 251 -8.17 -17.25 -15.67
N GLY B 252 -8.98 -17.76 -14.74
CA GLY B 252 -10.41 -17.80 -14.97
C GLY B 252 -11.16 -16.50 -14.71
N ALA B 253 -10.44 -15.50 -14.22
CA ALA B 253 -11.05 -14.21 -13.91
C ALA B 253 -11.72 -13.55 -15.11
N ARG B 254 -12.82 -12.85 -14.83
CA ARG B 254 -13.56 -12.15 -15.86
C ARG B 254 -13.20 -10.67 -15.77
N ILE B 255 -12.46 -10.18 -16.75
CA ILE B 255 -12.06 -8.78 -16.77
C ILE B 255 -13.13 -7.95 -17.45
N MSE B 256 -13.68 -6.99 -16.71
CA MSE B 256 -14.74 -6.15 -17.24
C MSE B 256 -14.54 -4.68 -16.89
O MSE B 256 -14.98 -4.20 -15.85
CB MSE B 256 -16.09 -6.66 -16.73
CG MSE B 256 -16.45 -8.05 -17.25
SE MSE B 256 -18.23 -8.60 -16.75
CE MSE B 256 -19.20 -7.36 -17.88
N PRO B 257 -13.87 -3.93 -17.78
CA PRO B 257 -13.60 -2.51 -17.57
C PRO B 257 -14.86 -1.68 -17.32
N ASP B 258 -15.98 -2.12 -17.89
CA ASP B 258 -17.24 -1.40 -17.73
C ASP B 258 -18.26 -1.98 -16.76
N LEU B 259 -17.80 -2.81 -15.83
CA LEU B 259 -18.69 -3.45 -14.86
C LEU B 259 -19.66 -2.47 -14.18
N VAL B 260 -19.14 -1.33 -13.73
CA VAL B 260 -19.98 -0.35 -13.06
C VAL B 260 -21.15 0.13 -13.92
N PHE B 261 -20.96 0.20 -15.24
CA PHE B 261 -22.04 0.66 -16.11
C PHE B 261 -23.14 -0.39 -16.28
N VAL B 262 -22.81 -1.66 -16.08
CA VAL B 262 -23.82 -2.69 -16.17
C VAL B 262 -24.78 -2.44 -15.00
N GLY B 263 -24.19 -2.09 -13.86
CA GLY B 263 -24.99 -1.81 -12.68
C GLY B 263 -25.77 -0.50 -12.77
N LEU B 264 -25.22 0.48 -13.48
CA LEU B 264 -25.91 1.75 -13.60
C LEU B 264 -27.23 1.56 -14.34
N ALA B 265 -27.23 0.68 -15.35
CA ALA B 265 -28.44 0.42 -16.13
C ALA B 265 -29.49 -0.26 -15.26
N LEU B 266 -29.04 -1.04 -14.29
CA LEU B 266 -29.95 -1.73 -13.38
C LEU B 266 -30.52 -0.73 -12.37
N ALA B 267 -29.69 0.20 -11.93
CA ALA B 267 -30.11 1.22 -10.97
C ALA B 267 -30.98 2.31 -11.62
N CYS B 268 -30.73 2.61 -12.90
CA CYS B 268 -31.48 3.62 -13.64
C CYS B 268 -31.89 3.10 -15.01
N PRO B 269 -32.90 2.22 -15.06
CA PRO B 269 -33.37 1.66 -16.33
C PRO B 269 -33.96 2.68 -17.31
N ILE B 270 -33.69 2.46 -18.59
CA ILE B 270 -34.18 3.35 -19.64
C ILE B 270 -34.66 2.51 -20.83
#